data_3AD6
#
_entry.id   3AD6
#
_cell.length_a   42.271
_cell.length_b   73.604
_cell.length_c   92.344
_cell.angle_alpha   90.00
_cell.angle_beta   90.00
_cell.angle_gamma   90.00
#
_symmetry.space_group_name_H-M   'P 21 21 21'
#
loop_
_entity.id
_entity.type
_entity.pdbx_description
1 polymer 'Proto-oncogene tyrosine-protein kinase LCK'
2 non-polymer 'SULFATE ION'
3 non-polymer 'DIMETHYL SULFOXIDE'
4 non-polymer 7-[(cyclopropylmethyl)amino]-2-[(4-methoxyphenyl)amino]-5-methylpyrazolo[1,5-a]pyrimidine-3-carboxamide
5 water water
#
_entity_poly.entity_id   1
_entity_poly.type   'polypeptide(L)'
_entity_poly.pdbx_seq_one_letter_code
;QTQKPQKPWWEDEWEVPRETLKLVERLGAGQFGEVWMGYYNGHTKVAVKSLKQGSMSPDAFLAEANLMKQLQHQRLVRLY
AVVTQEPIYIITEYMENGSLVDFLKTPSGIKLTINKLLDMAAQIAEGMAFIEERNYIHRDLRAANILVSDTLSCKIADFG
LARLIEDNE(PTR)TAREGAKFPIKWTAPEAINYGTFTIKSDVWSFGILLTEIVTHGRIPYPGMTNPEVIQNLERGYRMV
RPDNCPEELYQLMRLCWKERPEDRPTFDYLRSVLEDFFTATEGQYQPQP
;
_entity_poly.pdbx_strand_id   A
#
# COMPACT_ATOMS: atom_id res chain seq x y z
N GLN A 6 19.94 -2.72 -15.96
CA GLN A 6 19.56 -4.12 -15.55
C GLN A 6 20.22 -5.21 -16.39
N LYS A 7 19.89 -6.47 -16.09
CA LYS A 7 20.30 -7.58 -16.96
C LYS A 7 19.36 -7.59 -18.13
N PRO A 8 19.83 -7.97 -19.33
CA PRO A 8 18.90 -7.95 -20.45
C PRO A 8 17.92 -9.10 -20.31
N TRP A 9 16.79 -9.02 -21.02
CA TRP A 9 15.70 -9.98 -20.84
C TRP A 9 16.11 -11.45 -20.99
N TRP A 10 17.11 -11.71 -21.84
CA TRP A 10 17.60 -13.08 -22.05
C TRP A 10 18.46 -13.60 -20.88
N GLU A 11 18.92 -12.71 -20.01
CA GLU A 11 19.61 -13.16 -18.76
C GLU A 11 18.82 -12.86 -17.46
N ASP A 12 17.69 -12.18 -17.60
CA ASP A 12 16.88 -11.80 -16.44
C ASP A 12 16.13 -13.03 -15.85
N GLU A 13 16.49 -13.40 -14.62
CA GLU A 13 15.85 -14.55 -13.92
C GLU A 13 14.35 -14.38 -13.70
N TRP A 14 13.83 -13.16 -13.81
CA TRP A 14 12.38 -12.93 -13.76
C TRP A 14 11.63 -13.09 -15.11
N GLU A 15 12.32 -12.94 -16.23
CA GLU A 15 11.65 -13.14 -17.52
C GLU A 15 11.10 -14.58 -17.63
N VAL A 16 9.83 -14.73 -17.95
CA VAL A 16 9.26 -16.02 -18.35
C VAL A 16 8.64 -15.93 -19.75
N PRO A 17 8.64 -17.05 -20.51
CA PRO A 17 7.94 -17.07 -21.80
C PRO A 17 6.43 -16.85 -21.56
N ARG A 18 5.79 -16.03 -22.38
CA ARG A 18 4.34 -15.81 -22.25
C ARG A 18 3.49 -17.12 -22.16
N GLU A 19 3.97 -18.17 -22.81
CA GLU A 19 3.25 -19.46 -22.88
C GLU A 19 3.05 -20.13 -21.50
N THR A 20 3.88 -19.77 -20.52
CA THR A 20 3.85 -20.43 -19.21
C THR A 20 2.65 -19.95 -18.40
N LEU A 21 1.95 -18.93 -18.92
CA LEU A 21 0.85 -18.27 -18.20
C LEU A 21 -0.48 -18.50 -18.90
N LYS A 22 -1.52 -18.74 -18.10
CA LYS A 22 -2.90 -18.77 -18.59
C LYS A 22 -3.75 -17.79 -17.79
N LEU A 23 -4.31 -16.80 -18.48
CA LEU A 23 -5.17 -15.81 -17.84
C LEU A 23 -6.55 -16.41 -17.71
N VAL A 24 -7.09 -16.46 -16.47
CA VAL A 24 -8.33 -17.20 -16.24
C VAL A 24 -9.53 -16.31 -15.94
N GLU A 25 -9.40 -15.42 -14.95
CA GLU A 25 -10.46 -14.48 -14.57
C GLU A 25 -9.95 -13.03 -14.52
N ARG A 26 -10.63 -12.12 -15.20
CA ARG A 26 -10.24 -10.72 -15.16
C ARG A 26 -10.75 -10.08 -13.87
N LEU A 27 -9.85 -9.55 -13.06
CA LEU A 27 -10.23 -8.93 -11.77
C LEU A 27 -10.48 -7.44 -11.91
N GLY A 28 -9.85 -6.81 -12.89
CA GLY A 28 -10.12 -5.40 -13.19
C GLY A 28 -9.60 -4.93 -14.54
N ALA A 29 -10.15 -3.81 -15.00
CA ALA A 29 -9.70 -3.16 -16.24
C ALA A 29 -9.74 -1.65 -16.02
N GLY A 30 -8.81 -0.94 -16.66
CA GLY A 30 -8.70 0.50 -16.46
C GLY A 30 -7.93 1.11 -17.59
N GLN A 31 -7.71 2.42 -17.49
CA GLN A 31 -7.01 3.19 -18.52
C GLN A 31 -5.72 2.55 -19.00
N PHE A 32 -4.95 1.97 -18.08
CA PHE A 32 -3.62 1.48 -18.44
C PHE A 32 -3.49 -0.02 -18.58
N GLY A 33 -4.61 -0.72 -18.49
CA GLY A 33 -4.62 -2.17 -18.71
C GLY A 33 -5.54 -2.93 -17.79
N GLU A 34 -5.22 -4.22 -17.62
CA GLU A 34 -6.08 -5.16 -16.95
C GLU A 34 -5.32 -5.91 -15.87
N VAL A 35 -6.07 -6.44 -14.92
CA VAL A 35 -5.52 -7.33 -13.92
C VAL A 35 -6.31 -8.61 -13.92
N TRP A 36 -5.59 -9.71 -14.04
CA TRP A 36 -6.19 -11.03 -14.09
C TRP A 36 -5.66 -11.93 -12.98
N MET A 37 -6.51 -12.85 -12.52
CA MET A 37 -6.03 -14.05 -11.82
C MET A 37 -5.71 -15.07 -12.90
N GLY A 38 -4.60 -15.78 -12.74
CA GLY A 38 -4.26 -16.84 -13.68
C GLY A 38 -3.30 -17.87 -13.08
N TYR A 39 -2.73 -18.72 -13.93
CA TYR A 39 -1.84 -19.80 -13.48
C TYR A 39 -0.52 -19.79 -14.26
N TYR A 40 0.57 -19.97 -13.52
CA TYR A 40 1.88 -20.21 -14.11
C TYR A 40 2.18 -21.72 -14.11
N ASN A 41 2.57 -22.22 -15.27
CA ASN A 41 2.86 -23.63 -15.45
C ASN A 41 1.76 -24.52 -14.89
N GLY A 42 0.50 -24.15 -15.18
CA GLY A 42 -0.64 -25.05 -14.86
C GLY A 42 -1.20 -24.99 -13.44
N HIS A 43 -0.33 -24.84 -12.45
CA HIS A 43 -0.70 -25.11 -11.05
C HIS A 43 -0.61 -23.96 -10.08
N THR A 44 0.19 -22.95 -10.44
CA THR A 44 0.50 -21.88 -9.51
C THR A 44 -0.31 -20.60 -9.72
N LYS A 45 -1.20 -20.32 -8.77
CA LYS A 45 -2.07 -19.14 -8.84
C LYS A 45 -1.25 -17.86 -8.74
N VAL A 46 -1.44 -16.97 -9.72
CA VAL A 46 -0.69 -15.73 -9.81
C VAL A 46 -1.63 -14.59 -10.22
N ALA A 47 -1.29 -13.35 -9.89
CA ALA A 47 -1.98 -12.19 -10.49
C ALA A 47 -1.11 -11.69 -11.66
N VAL A 48 -1.76 -11.29 -12.76
CA VAL A 48 -1.07 -10.85 -13.97
C VAL A 48 -1.57 -9.46 -14.34
N LYS A 49 -0.70 -8.45 -14.31
CA LYS A 49 -1.09 -7.09 -14.72
C LYS A 49 -0.55 -6.77 -16.12
N SER A 50 -1.44 -6.42 -17.04
CA SER A 50 -1.02 -6.25 -18.42
C SER A 50 -1.13 -4.80 -18.84
N LEU A 51 -0.15 -4.34 -19.61
CA LEU A 51 -0.10 -2.96 -20.12
C LEU A 51 -0.84 -2.77 -21.45
N LYS A 52 -1.84 -1.89 -21.44
CA LYS A 52 -2.54 -1.47 -22.67
C LYS A 52 -1.56 -0.67 -23.53
N GLN A 53 -1.20 -1.24 -24.67
CA GLN A 53 -0.25 -0.61 -25.58
C GLN A 53 -0.63 0.84 -25.80
N GLY A 54 0.36 1.72 -25.69
CA GLY A 54 0.15 3.13 -26.04
C GLY A 54 -0.48 3.92 -24.93
N SER A 55 -1.04 3.27 -23.90
CA SER A 55 -1.64 4.05 -22.79
C SER A 55 -0.61 4.79 -21.96
N MET A 56 0.60 4.26 -21.88
CA MET A 56 1.65 4.85 -21.06
C MET A 56 3.00 4.26 -21.49
N SER A 57 4.10 4.91 -21.13
CA SER A 57 5.44 4.39 -21.46
C SER A 57 5.62 2.95 -20.95
N PRO A 58 6.22 2.08 -21.77
CA PRO A 58 6.41 0.74 -21.20
C PRO A 58 7.58 0.72 -20.20
N ASP A 59 8.55 1.63 -20.37
CA ASP A 59 9.61 1.84 -19.40
C ASP A 59 9.00 2.30 -18.09
N ALA A 60 7.92 3.09 -18.17
CA ALA A 60 7.26 3.57 -16.95
C ALA A 60 6.57 2.41 -16.26
N PHE A 61 5.93 1.54 -17.04
CA PHE A 61 5.20 0.37 -16.51
C PHE A 61 6.19 -0.60 -15.84
N LEU A 62 7.34 -0.86 -16.47
CA LEU A 62 8.30 -1.86 -15.99
C LEU A 62 9.16 -1.41 -14.82
N ALA A 63 9.30 -0.10 -14.66
CA ALA A 63 9.95 0.45 -13.49
C ALA A 63 9.30 -0.02 -12.17
N GLU A 64 8.03 -0.38 -12.19
CA GLU A 64 7.41 -0.94 -10.98
C GLU A 64 8.03 -2.30 -10.66
N ALA A 65 8.12 -3.18 -11.67
CA ALA A 65 8.79 -4.49 -11.49
C ALA A 65 10.25 -4.36 -11.03
N ASN A 66 10.99 -3.42 -11.60
CA ASN A 66 12.41 -3.26 -11.26
C ASN A 66 12.61 -2.90 -9.80
N LEU A 67 11.73 -2.06 -9.29
CA LEU A 67 11.83 -1.66 -7.91
C LEU A 67 11.53 -2.86 -6.99
N MET A 68 10.51 -3.65 -7.36
CA MET A 68 10.15 -4.89 -6.64
C MET A 68 11.26 -5.97 -6.62
N LYS A 69 12.17 -5.93 -7.59
CA LYS A 69 13.40 -6.75 -7.50
C LYS A 69 14.29 -6.34 -6.30
N GLN A 70 14.13 -5.12 -5.83
CA GLN A 70 14.92 -4.57 -4.69
C GLN A 70 14.27 -4.69 -3.32
N LEU A 71 12.97 -5.04 -3.30
CA LEU A 71 12.18 -5.02 -2.06
C LEU A 71 11.45 -6.31 -1.81
N GLN A 72 12.20 -7.32 -1.39
CA GLN A 72 11.68 -8.65 -1.26
C GLN A 72 11.55 -8.93 0.22
N HIS A 73 10.36 -9.33 0.66
CA HIS A 73 10.13 -9.55 2.10
C HIS A 73 8.80 -10.25 2.27
N GLN A 74 8.65 -11.09 3.30
CA GLN A 74 7.36 -11.76 3.55
C GLN A 74 6.19 -10.82 3.49
N ARG A 75 6.35 -9.64 4.06
CA ARG A 75 5.22 -8.68 4.25
C ARG A 75 4.91 -7.80 3.02
N LEU A 76 5.69 -7.98 1.94
CA LEU A 76 5.48 -7.27 0.71
C LEU A 76 5.08 -8.23 -0.42
N VAL A 77 4.07 -7.83 -1.18
CA VAL A 77 3.63 -8.58 -2.37
C VAL A 77 4.84 -8.78 -3.28
N ARG A 78 5.09 -10.04 -3.60
CA ARG A 78 6.33 -10.46 -4.23
C ARG A 78 6.23 -10.47 -5.77
N LEU A 79 7.22 -9.91 -6.45
CA LEU A 79 7.27 -10.06 -7.91
C LEU A 79 7.47 -11.52 -8.24
N TYR A 80 6.65 -12.04 -9.15
CA TYR A 80 6.77 -13.43 -9.56
C TYR A 80 7.57 -13.55 -10.89
N ALA A 81 7.26 -12.66 -11.84
CA ALA A 81 7.90 -12.64 -13.17
C ALA A 81 7.45 -11.41 -14.00
N VAL A 82 8.07 -11.28 -15.17
CA VAL A 82 7.73 -10.26 -16.16
C VAL A 82 7.72 -10.92 -17.55
N VAL A 83 6.88 -10.43 -18.46
CA VAL A 83 7.04 -10.70 -19.88
C VAL A 83 7.31 -9.33 -20.53
N THR A 84 8.48 -9.14 -21.10
CA THR A 84 8.86 -7.81 -21.49
C THR A 84 8.62 -7.49 -22.98
N GLN A 85 7.92 -8.39 -23.69
CA GLN A 85 7.41 -8.12 -25.06
C GLN A 85 5.96 -7.71 -24.99
N GLU A 86 5.54 -6.86 -25.93
CA GLU A 86 4.16 -6.38 -25.98
C GLU A 86 3.16 -7.48 -26.29
N PRO A 87 2.02 -7.54 -25.54
CA PRO A 87 1.72 -6.72 -24.37
C PRO A 87 2.52 -7.16 -23.13
N ILE A 88 3.02 -6.18 -22.40
CA ILE A 88 3.95 -6.37 -21.30
C ILE A 88 3.17 -6.84 -20.07
N TYR A 89 3.61 -7.94 -19.45
CA TYR A 89 2.99 -8.42 -18.22
C TYR A 89 3.90 -8.16 -16.99
N ILE A 90 3.29 -7.81 -15.86
CA ILE A 90 3.95 -7.93 -14.57
C ILE A 90 3.17 -8.94 -13.75
N ILE A 91 3.85 -10.01 -13.36
CA ILE A 91 3.19 -11.09 -12.67
C ILE A 91 3.59 -11.06 -11.19
N THR A 92 2.61 -11.14 -10.30
CA THR A 92 2.87 -11.00 -8.85
C THR A 92 2.19 -12.06 -7.98
N GLU A 93 2.65 -12.12 -6.72
CA GLU A 93 2.05 -12.93 -5.68
C GLU A 93 0.54 -12.77 -5.62
N TYR A 94 -0.21 -13.87 -5.74
CA TYR A 94 -1.66 -13.80 -5.73
C TYR A 94 -2.18 -13.69 -4.29
N MET A 95 -3.11 -12.77 -4.06
CA MET A 95 -3.62 -12.52 -2.73
C MET A 95 -5.13 -12.77 -2.74
N GLU A 96 -5.54 -13.88 -2.14
CA GLU A 96 -6.84 -14.44 -2.36
C GLU A 96 -8.00 -13.57 -1.85
N ASN A 97 -7.77 -12.79 -0.80
CA ASN A 97 -8.86 -11.94 -0.29
C ASN A 97 -8.84 -10.51 -0.81
N GLY A 98 -8.05 -10.28 -1.85
CA GLY A 98 -8.05 -8.99 -2.56
C GLY A 98 -7.57 -7.82 -1.70
N SER A 99 -8.07 -6.63 -1.98
CA SER A 99 -7.62 -5.47 -1.24
C SER A 99 -8.26 -5.34 0.16
N LEU A 100 -7.51 -4.81 1.13
CA LEU A 100 -8.02 -4.66 2.51
C LEU A 100 -9.30 -3.85 2.53
N VAL A 101 -9.33 -2.75 1.78
CA VAL A 101 -10.51 -1.91 1.74
C VAL A 101 -11.81 -2.70 1.36
N ASP A 102 -11.70 -3.65 0.43
CA ASP A 102 -12.86 -4.46 0.01
C ASP A 102 -13.16 -5.57 1.00
N PHE A 103 -12.11 -6.24 1.47
CA PHE A 103 -12.29 -7.38 2.33
C PHE A 103 -13.00 -7.03 3.63
N LEU A 104 -12.62 -5.87 4.21
CA LEU A 104 -13.21 -5.38 5.45
C LEU A 104 -14.72 -5.20 5.38
N LYS A 105 -15.27 -5.24 4.16
CA LYS A 105 -16.71 -5.08 3.96
C LYS A 105 -17.45 -6.39 3.69
N THR A 106 -16.75 -7.44 3.30
CA THR A 106 -17.36 -8.75 3.10
C THR A 106 -17.87 -9.24 4.46
N PRO A 107 -18.76 -10.24 4.49
CA PRO A 107 -19.25 -10.89 5.71
C PRO A 107 -18.10 -11.43 6.60
N SER A 108 -17.01 -11.91 6.00
CA SER A 108 -15.85 -12.39 6.80
C SER A 108 -15.17 -11.21 7.45
N GLY A 109 -15.00 -10.13 6.68
CA GLY A 109 -14.38 -8.92 7.22
C GLY A 109 -15.20 -8.30 8.33
N ILE A 110 -16.52 -8.22 8.16
CA ILE A 110 -17.41 -7.60 9.16
C ILE A 110 -17.34 -8.25 10.53
N LYS A 111 -17.10 -9.54 10.56
CA LYS A 111 -17.09 -10.28 11.81
C LYS A 111 -15.74 -10.29 12.55
N LEU A 112 -14.70 -9.68 11.99
CA LEU A 112 -13.40 -9.64 12.68
C LEU A 112 -13.42 -8.83 13.97
N THR A 113 -12.76 -9.33 15.02
CA THR A 113 -12.67 -8.62 16.31
C THR A 113 -11.68 -7.47 16.24
N ILE A 114 -11.73 -6.58 17.23
CA ILE A 114 -10.72 -5.52 17.31
C ILE A 114 -9.32 -6.15 17.42
N ASN A 115 -9.21 -7.26 18.14
CA ASN A 115 -7.94 -8.02 18.25
C ASN A 115 -7.28 -8.31 16.88
N LYS A 116 -8.07 -8.88 15.99
CA LYS A 116 -7.60 -9.25 14.67
C LYS A 116 -7.25 -8.02 13.78
N LEU A 117 -8.02 -6.95 13.92
CA LEU A 117 -7.77 -5.71 13.17
C LEU A 117 -6.44 -5.10 13.64
N LEU A 118 -6.20 -5.14 14.96
CA LEU A 118 -4.94 -4.66 15.50
C LEU A 118 -3.79 -5.52 14.98
N ASP A 119 -4.00 -6.84 14.98
CA ASP A 119 -3.03 -7.82 14.42
C ASP A 119 -2.67 -7.40 12.98
N MET A 120 -3.66 -7.28 12.12
CA MET A 120 -3.46 -6.79 10.74
C MET A 120 -2.71 -5.44 10.67
N ALA A 121 -3.10 -4.48 11.50
CA ALA A 121 -2.40 -3.19 11.53
C ALA A 121 -0.93 -3.39 11.79
N ALA A 122 -0.59 -4.27 12.73
CA ALA A 122 0.84 -4.54 13.05
C ALA A 122 1.61 -5.21 11.89
N GLN A 123 0.94 -6.08 11.14
CA GLN A 123 1.57 -6.77 10.02
C GLN A 123 1.94 -5.73 8.94
N ILE A 124 1.09 -4.71 8.79
CA ILE A 124 1.31 -3.65 7.81
C ILE A 124 2.46 -2.76 8.23
N ALA A 125 2.48 -2.36 9.51
CA ALA A 125 3.61 -1.61 10.05
C ALA A 125 4.93 -2.39 9.88
N GLU A 126 4.86 -3.69 10.09
CA GLU A 126 6.00 -4.58 9.94
C GLU A 126 6.57 -4.53 8.52
N GLY A 127 5.68 -4.59 7.53
CA GLY A 127 6.08 -4.46 6.16
C GLY A 127 6.63 -3.07 5.88
N MET A 128 6.05 -2.04 6.50
CA MET A 128 6.56 -0.67 6.28
C MET A 128 7.92 -0.41 6.99
N ALA A 129 8.16 -1.14 8.10
CA ALA A 129 9.47 -1.09 8.80
C ALA A 129 10.61 -1.59 7.91
N PHE A 130 10.38 -2.68 7.17
CA PHE A 130 11.32 -3.15 6.15
C PHE A 130 11.59 -2.08 5.09
N ILE A 131 10.53 -1.44 4.58
CA ILE A 131 10.66 -0.39 3.55
C ILE A 131 11.46 0.79 4.08
N GLU A 132 11.12 1.23 5.29
CA GLU A 132 11.90 2.22 6.00
C GLU A 132 13.38 1.85 6.11
N GLU A 133 13.67 0.66 6.61
CA GLU A 133 15.05 0.19 6.79
C GLU A 133 15.85 0.17 5.49
N ARG A 134 15.22 -0.14 4.37
CA ARG A 134 15.88 -0.26 3.07
C ARG A 134 16.04 1.09 2.37
N ASN A 135 15.64 2.16 3.07
CA ASN A 135 15.70 3.53 2.49
C ASN A 135 14.71 3.84 1.38
N TYR A 136 13.61 3.09 1.35
CA TYR A 136 12.55 3.39 0.40
C TYR A 136 11.39 4.17 1.02
N ILE A 137 10.52 4.67 0.17
CA ILE A 137 9.24 5.25 0.59
C ILE A 137 8.25 4.68 -0.38
N HIS A 138 6.98 4.59 0.05
CA HIS A 138 5.89 4.01 -0.73
C HIS A 138 5.10 5.14 -1.47
N ARG A 139 4.61 6.13 -0.71
CA ARG A 139 3.84 7.28 -1.23
C ARG A 139 2.35 7.05 -1.56
N ASP A 140 1.87 5.80 -1.48
CA ASP A 140 0.49 5.44 -1.86
C ASP A 140 -0.05 4.45 -0.81
N LEU A 141 0.36 4.64 0.44
CA LEU A 141 -0.06 3.81 1.54
C LEU A 141 -1.50 4.16 1.98
N ARG A 142 -2.35 3.14 1.95
CA ARG A 142 -3.79 3.30 2.08
C ARG A 142 -4.40 1.88 1.99
N ALA A 143 -5.52 1.66 2.66
CA ALA A 143 -6.14 0.32 2.72
C ALA A 143 -6.38 -0.30 1.34
N ALA A 144 -6.60 0.52 0.31
CA ALA A 144 -6.72 0.02 -1.06
C ALA A 144 -5.43 -0.65 -1.58
N ASN A 145 -4.28 -0.22 -1.04
CA ASN A 145 -2.98 -0.81 -1.46
C ASN A 145 -2.34 -1.80 -0.46
N ILE A 146 -3.22 -2.37 0.37
CA ILE A 146 -2.87 -3.51 1.22
C ILE A 146 -3.69 -4.72 0.71
N LEU A 147 -3.04 -5.84 0.49
CA LEU A 147 -3.77 -7.03 0.04
C LEU A 147 -3.83 -8.08 1.17
N VAL A 148 -4.84 -8.94 1.11
CA VAL A 148 -5.09 -9.90 2.18
C VAL A 148 -5.08 -11.33 1.64
N SER A 149 -4.32 -12.19 2.31
CA SER A 149 -4.14 -13.56 1.89
C SER A 149 -5.30 -14.41 2.33
N ASP A 150 -5.33 -15.65 1.85
CA ASP A 150 -6.34 -16.60 2.31
C ASP A 150 -6.29 -16.91 3.80
N THR A 151 -5.12 -16.74 4.44
CA THR A 151 -4.93 -16.99 5.88
C THR A 151 -5.11 -15.70 6.73
N LEU A 152 -5.64 -14.66 6.08
CA LEU A 152 -5.86 -13.35 6.69
C LEU A 152 -4.56 -12.71 7.20
N SER A 153 -3.54 -12.75 6.35
CA SER A 153 -2.36 -11.97 6.53
C SER A 153 -2.33 -10.87 5.46
N CYS A 154 -1.68 -9.77 5.80
CA CYS A 154 -1.67 -8.57 4.98
C CYS A 154 -0.31 -8.32 4.39
N LYS A 155 -0.28 -7.74 3.19
CA LYS A 155 0.99 -7.41 2.51
C LYS A 155 0.90 -6.06 1.80
N ILE A 156 1.98 -5.31 1.82
CA ILE A 156 2.00 -4.03 1.10
C ILE A 156 2.01 -4.31 -0.39
N ALA A 157 1.30 -3.51 -1.16
CA ALA A 157 1.28 -3.64 -2.60
C ALA A 157 1.36 -2.29 -3.32
N ASP A 158 1.46 -2.39 -4.65
CA ASP A 158 1.41 -1.27 -5.58
C ASP A 158 2.54 -0.31 -5.37
N PHE A 159 3.66 -0.61 -6.03
CA PHE A 159 4.91 0.08 -5.80
C PHE A 159 5.14 1.10 -6.96
N GLY A 160 4.06 1.49 -7.60
CA GLY A 160 4.15 2.33 -8.78
C GLY A 160 4.78 3.65 -8.40
N LEU A 161 4.47 4.12 -7.19
CA LEU A 161 5.02 5.37 -6.71
C LEU A 161 6.20 5.24 -5.73
N ALA A 162 6.56 4.01 -5.35
CA ALA A 162 7.67 3.78 -4.41
C ALA A 162 9.02 4.25 -4.98
N ARG A 163 9.83 4.88 -4.14
CA ARG A 163 11.07 5.48 -4.56
C ARG A 163 12.15 5.20 -3.54
N LEU A 164 13.36 4.97 -4.06
CA LEU A 164 14.56 4.88 -3.24
C LEU A 164 15.06 6.30 -2.92
N ILE A 165 15.36 6.54 -1.66
CA ILE A 165 15.85 7.82 -1.25
C ILE A 165 17.38 7.90 -1.32
N GLU A 166 17.89 8.99 -1.87
CA GLU A 166 19.33 9.26 -1.87
C GLU A 166 19.69 10.05 -0.62
N ASP A 167 18.86 11.07 -0.32
CA ASP A 167 19.09 12.06 0.73
C ASP A 167 17.83 12.32 1.57
N ASN A 168 17.29 11.28 2.20
CA ASN A 168 16.07 11.42 3.03
C ASN A 168 14.79 11.87 2.30
N GLU A 169 14.95 12.56 1.16
CA GLU A 169 13.84 13.28 0.54
C GLU A 169 13.67 13.09 -0.98
N THR A 171 11.38 14.76 -4.02
CA THR A 171 10.57 15.93 -4.33
C THR A 171 9.87 15.70 -5.67
N ALA A 172 8.54 15.56 -5.64
CA ALA A 172 7.74 15.47 -6.86
C ALA A 172 7.74 16.80 -7.67
N ARG A 173 7.39 16.71 -8.95
CA ARG A 173 7.16 17.88 -9.81
C ARG A 173 5.99 18.72 -9.30
N GLU A 174 6.01 20.03 -9.53
CA GLU A 174 4.88 20.84 -9.08
C GLU A 174 3.62 20.73 -9.92
N GLY A 175 3.63 19.84 -10.92
CA GLY A 175 2.39 19.40 -11.59
C GLY A 175 1.69 18.21 -10.92
N ALA A 176 2.32 17.64 -9.89
CA ALA A 176 1.88 16.36 -9.35
C ALA A 176 0.78 16.48 -8.30
N LYS A 177 -0.29 15.70 -8.50
CA LYS A 177 -1.40 15.71 -7.56
C LYS A 177 -1.46 14.35 -6.83
N PHE A 178 -1.83 14.38 -5.56
CA PHE A 178 -1.96 13.17 -4.74
C PHE A 178 -3.24 13.26 -3.91
N PRO A 179 -3.75 12.12 -3.43
CA PRO A 179 -5.01 12.13 -2.72
C PRO A 179 -4.87 12.89 -1.41
N ILE A 180 -5.72 13.89 -1.23
CA ILE A 180 -5.64 14.84 -0.13
C ILE A 180 -5.81 14.23 1.26
N LYS A 181 -6.78 13.33 1.43
CA LYS A 181 -7.11 12.77 2.74
C LYS A 181 -6.01 11.82 3.26
N TRP A 182 -5.22 11.25 2.34
CA TRP A 182 -4.22 10.21 2.70
C TRP A 182 -2.78 10.72 2.75
N THR A 183 -2.53 11.89 2.18
CA THR A 183 -1.19 12.38 1.94
C THR A 183 -0.80 13.42 3.00
N ALA A 184 0.39 13.27 3.56
CA ALA A 184 0.84 14.21 4.60
C ALA A 184 0.88 15.64 4.03
N PRO A 185 0.66 16.66 4.89
CA PRO A 185 0.64 18.07 4.48
C PRO A 185 1.88 18.53 3.72
N GLU A 186 3.08 18.11 4.16
CA GLU A 186 4.29 18.56 3.49
C GLU A 186 4.36 18.07 2.07
N ALA A 187 3.81 16.89 1.81
CA ALA A 187 3.87 16.34 0.47
C ALA A 187 2.87 17.01 -0.45
N ILE A 188 1.73 17.41 0.12
CA ILE A 188 0.68 18.12 -0.65
C ILE A 188 1.15 19.53 -0.92
N ASN A 189 1.79 20.14 0.06
CA ASN A 189 2.14 21.55 -0.01
C ASN A 189 3.42 21.83 -0.80
N TYR A 190 4.44 20.98 -0.60
CA TYR A 190 5.78 21.22 -1.16
C TYR A 190 6.19 20.15 -2.15
N GLY A 191 5.42 19.07 -2.23
CA GLY A 191 5.79 17.92 -3.07
C GLY A 191 6.91 17.10 -2.44
N THR A 192 7.29 17.42 -1.19
CA THR A 192 8.35 16.67 -0.51
C THR A 192 7.81 15.45 0.28
N PHE A 193 8.35 14.27 -0.02
CA PHE A 193 7.98 12.98 0.61
C PHE A 193 9.18 12.38 1.36
N THR A 194 8.93 11.85 2.56
CA THR A 194 9.95 11.09 3.30
C THR A 194 9.24 9.89 3.88
N ILE A 195 9.96 9.00 4.51
CA ILE A 195 9.30 7.88 5.19
C ILE A 195 8.27 8.45 6.19
N LYS A 196 8.46 9.70 6.64
CA LYS A 196 7.53 10.28 7.60
C LYS A 196 6.18 10.68 6.97
N SER A 197 6.20 10.95 5.65
CA SER A 197 4.99 11.14 4.89
C SER A 197 4.19 9.84 4.85
N ASP A 198 4.89 8.70 4.77
CA ASP A 198 4.23 7.41 4.79
C ASP A 198 3.64 7.18 6.19
N VAL A 199 4.37 7.58 7.22
CA VAL A 199 3.88 7.43 8.58
C VAL A 199 2.53 8.11 8.72
N TRP A 200 2.40 9.35 8.21
CA TRP A 200 1.13 10.07 8.22
C TRP A 200 0.03 9.25 7.50
N SER A 201 0.33 8.77 6.31
CA SER A 201 -0.59 7.92 5.60
C SER A 201 -0.97 6.67 6.39
N PHE A 202 0.00 6.07 7.06
CA PHE A 202 -0.30 4.99 7.98
C PHE A 202 -1.39 5.35 9.01
N GLY A 203 -1.32 6.54 9.62
CA GLY A 203 -2.38 6.97 10.52
C GLY A 203 -3.78 6.95 9.86
N ILE A 204 -3.88 7.47 8.64
CA ILE A 204 -5.16 7.50 7.92
C ILE A 204 -5.62 6.06 7.68
N LEU A 205 -4.68 5.21 7.28
CA LEU A 205 -4.96 3.81 6.99
C LEU A 205 -5.54 3.13 8.23
N LEU A 206 -5.03 3.48 9.40
CA LEU A 206 -5.56 2.95 10.65
C LEU A 206 -7.05 3.28 10.81
N THR A 207 -7.48 4.46 10.34
CA THR A 207 -8.90 4.77 10.44
C THR A 207 -9.75 3.89 9.53
N GLU A 208 -9.23 3.55 8.35
CA GLU A 208 -9.94 2.69 7.42
C GLU A 208 -10.10 1.27 8.00
N ILE A 209 -9.09 0.83 8.75
CA ILE A 209 -9.14 -0.47 9.42
C ILE A 209 -10.25 -0.52 10.48
N VAL A 210 -10.32 0.49 11.34
CA VAL A 210 -11.29 0.43 12.46
C VAL A 210 -12.74 0.76 12.01
N THR A 211 -12.89 1.40 10.85
CA THR A 211 -14.21 1.73 10.31
C THR A 211 -14.65 0.74 9.22
N HIS A 212 -13.86 -0.32 9.05
CA HIS A 212 -14.13 -1.30 8.00
C HIS A 212 -14.24 -0.70 6.60
N GLY A 213 -13.29 0.17 6.29
CA GLY A 213 -13.10 0.66 4.93
C GLY A 213 -13.79 1.96 4.60
N ARG A 214 -14.32 2.66 5.60
CA ARG A 214 -15.01 3.91 5.37
C ARG A 214 -14.04 5.00 4.91
N ILE A 215 -14.53 5.92 4.09
CA ILE A 215 -13.75 7.08 3.71
C ILE A 215 -13.34 7.96 4.91
N PRO A 216 -12.06 8.38 4.98
CA PRO A 216 -11.54 9.28 6.03
C PRO A 216 -12.20 10.65 6.04
N TYR A 217 -12.16 11.29 7.20
CA TYR A 217 -12.77 12.60 7.40
C TYR A 217 -14.21 12.61 6.90
N PRO A 218 -15.09 11.79 7.54
CA PRO A 218 -16.48 11.64 7.20
C PRO A 218 -17.15 12.98 6.97
N GLY A 219 -17.84 13.10 5.84
CA GLY A 219 -18.68 14.29 5.59
C GLY A 219 -17.90 15.56 5.27
N MET A 220 -16.59 15.43 5.02
CA MET A 220 -15.75 16.60 4.69
C MET A 220 -15.21 16.55 3.26
N THR A 221 -15.18 17.71 2.61
CA THR A 221 -14.48 17.89 1.33
C THR A 221 -13.00 18.07 1.57
N ASN A 222 -12.22 17.92 0.50
CA ASN A 222 -10.80 18.22 0.54
C ASN A 222 -10.45 19.63 1.10
N PRO A 223 -11.12 20.69 0.60
CA PRO A 223 -10.82 22.02 1.17
C PRO A 223 -11.15 22.10 2.67
N GLU A 224 -12.15 21.35 3.13
CA GLU A 224 -12.48 21.35 4.57
C GLU A 224 -11.40 20.63 5.36
N VAL A 225 -10.86 19.56 4.80
CA VAL A 225 -9.80 18.79 5.47
C VAL A 225 -8.52 19.62 5.60
N ILE A 226 -8.11 20.24 4.50
CA ILE A 226 -6.96 21.14 4.52
C ILE A 226 -7.12 22.27 5.56
N GLN A 227 -8.27 22.91 5.57
CA GLN A 227 -8.53 24.02 6.49
C GLN A 227 -8.48 23.56 7.95
N ASN A 228 -9.15 22.45 8.23
CA ASN A 228 -9.14 21.85 9.57
C ASN A 228 -7.73 21.51 10.05
N LEU A 229 -6.97 20.78 9.25
CA LEU A 229 -5.58 20.44 9.59
C LEU A 229 -4.74 21.67 9.92
N GLU A 230 -4.90 22.74 9.15
CA GLU A 230 -4.16 23.96 9.40
C GLU A 230 -4.58 24.65 10.71
N ARG A 231 -5.79 24.37 11.20
CA ARG A 231 -6.20 24.90 12.51
C ARG A 231 -5.59 24.07 13.66
N GLY A 232 -5.03 22.91 13.33
CA GLY A 232 -4.51 22.00 14.37
C GLY A 232 -5.46 20.87 14.74
N TYR A 233 -6.64 20.85 14.12
CA TYR A 233 -7.55 19.72 14.27
C TYR A 233 -6.98 18.52 13.52
N ARG A 234 -7.35 17.33 13.98
CA ARG A 234 -7.05 16.11 13.26
C ARG A 234 -8.37 15.40 13.04
N MET A 235 -8.35 14.25 12.37
CA MET A 235 -9.59 13.53 12.09
C MET A 235 -10.33 13.26 13.40
N VAL A 236 -11.64 13.52 13.37
CA VAL A 236 -12.54 13.18 14.45
C VAL A 236 -12.40 11.69 14.82
N ARG A 237 -12.47 11.40 16.12
CA ARG A 237 -12.49 10.03 16.64
C ARG A 237 -13.48 9.18 15.89
N PRO A 238 -13.01 8.20 15.09
CA PRO A 238 -13.96 7.32 14.42
C PRO A 238 -14.87 6.60 15.43
N ASP A 239 -16.05 6.15 14.99
CA ASP A 239 -16.95 5.39 15.88
C ASP A 239 -16.25 4.11 16.27
N ASN A 240 -16.29 3.79 17.56
CA ASN A 240 -15.79 2.49 18.07
C ASN A 240 -14.28 2.29 17.96
N CYS A 241 -13.56 3.40 17.97
CA CYS A 241 -12.10 3.35 17.92
C CYS A 241 -11.59 3.35 19.35
N PRO A 242 -10.82 2.31 19.74
CA PRO A 242 -10.21 2.30 21.07
C PRO A 242 -9.37 3.58 21.22
N GLU A 243 -9.45 4.21 22.38
CA GLU A 243 -8.72 5.47 22.55
C GLU A 243 -7.19 5.30 22.40
N GLU A 244 -6.64 4.13 22.75
CA GLU A 244 -5.20 3.82 22.55
C GLU A 244 -4.79 3.91 21.09
N LEU A 245 -5.63 3.34 20.24
CA LEU A 245 -5.40 3.37 18.81
C LEU A 245 -5.50 4.80 18.28
N TYR A 246 -6.52 5.54 18.72
CA TYR A 246 -6.67 6.95 18.29
C TYR A 246 -5.44 7.83 18.66
N GLN A 247 -4.90 7.63 19.85
CA GLN A 247 -3.66 8.36 20.25
C GLN A 247 -2.43 7.95 19.41
N LEU A 248 -2.39 6.69 18.99
CA LEU A 248 -1.38 6.24 18.05
C LEU A 248 -1.52 6.91 16.69
N MET A 249 -2.73 6.93 16.15
CA MET A 249 -3.05 7.79 14.99
C MET A 249 -2.52 9.22 15.16
N ARG A 250 -2.82 9.87 16.29
CA ARG A 250 -2.36 11.23 16.51
C ARG A 250 -0.82 11.40 16.38
N LEU A 251 -0.06 10.42 16.91
CA LEU A 251 1.41 10.42 16.72
C LEU A 251 1.78 10.44 15.25
N CYS A 252 1.12 9.62 14.42
CA CYS A 252 1.39 9.61 12.97
C CYS A 252 1.08 10.97 12.32
N TRP A 253 0.24 11.76 12.99
CA TRP A 253 -0.22 13.03 12.43
C TRP A 253 0.39 14.28 13.07
N LYS A 254 1.50 14.11 13.79
CA LYS A 254 2.20 15.24 14.38
C LYS A 254 2.61 16.26 13.30
N GLU A 255 2.59 17.53 13.66
CA GLU A 255 2.93 18.61 12.73
C GLU A 255 4.28 18.41 12.01
N ARG A 256 5.35 18.29 12.79
CA ARG A 256 6.69 18.11 12.20
C ARG A 256 6.91 16.67 11.78
N PRO A 257 7.40 16.46 10.53
CA PRO A 257 7.65 15.12 10.09
C PRO A 257 8.55 14.35 11.05
N GLU A 258 9.61 14.98 11.56
CA GLU A 258 10.59 14.28 12.38
C GLU A 258 10.07 13.88 13.79
N ASP A 259 8.95 14.48 14.22
CA ASP A 259 8.32 14.12 15.50
C ASP A 259 7.45 12.90 15.40
N ARG A 260 7.14 12.50 14.16
CA ARG A 260 6.32 11.33 13.90
C ARG A 260 7.17 10.09 14.17
N PRO A 261 6.56 9.01 14.69
CA PRO A 261 7.31 7.81 15.06
C PRO A 261 7.88 7.06 13.87
N THR A 262 8.85 6.17 14.12
CA THR A 262 9.28 5.18 13.12
C THR A 262 8.25 4.06 12.91
N PHE A 263 8.35 3.37 11.76
CA PHE A 263 7.50 2.22 11.56
C PHE A 263 7.86 1.06 12.50
N ASP A 264 9.11 0.95 12.91
CA ASP A 264 9.42 -0.09 13.88
C ASP A 264 8.71 0.12 15.25
N TYR A 265 8.65 1.36 15.70
CA TYR A 265 7.92 1.73 16.92
C TYR A 265 6.42 1.43 16.75
N LEU A 266 5.84 1.88 15.64
CA LEU A 266 4.43 1.59 15.36
C LEU A 266 4.19 0.05 15.42
N ARG A 267 5.14 -0.71 14.84
CA ARG A 267 5.02 -2.15 14.83
C ARG A 267 5.01 -2.70 16.26
N SER A 268 5.99 -2.31 17.07
CA SER A 268 6.04 -2.85 18.40
C SER A 268 4.83 -2.41 19.24
N VAL A 269 4.41 -1.15 19.05
CA VAL A 269 3.25 -0.71 19.82
C VAL A 269 2.00 -1.55 19.45
N LEU A 270 1.78 -1.73 18.16
CA LEU A 270 0.59 -2.47 17.70
C LEU A 270 0.62 -3.97 18.10
N GLU A 271 1.79 -4.57 18.13
CA GLU A 271 1.89 -5.94 18.68
C GLU A 271 1.50 -6.01 20.17
N ASP A 272 1.90 -5.01 20.94
CA ASP A 272 1.51 -4.91 22.36
C ASP A 272 0.00 -4.75 22.49
N PHE A 273 -0.58 -3.88 21.65
CA PHE A 273 -2.02 -3.68 21.69
C PHE A 273 -2.69 -5.02 21.38
N PHE A 274 -2.12 -5.73 20.41
CA PHE A 274 -2.68 -6.99 19.95
C PHE A 274 -2.64 -8.07 21.06
N THR A 275 -1.47 -8.26 21.67
CA THR A 275 -1.28 -9.32 22.66
C THR A 275 -2.08 -9.08 23.91
N ALA A 276 -2.53 -7.85 24.09
CA ALA A 276 -3.29 -7.49 25.28
C ALA A 276 -4.80 -7.51 25.08
N THR A 277 -5.25 -7.81 23.86
CA THR A 277 -6.70 -7.93 23.54
C THR A 277 -7.18 -9.38 23.23
N GLU A 278 -6.75 -10.35 24.05
CA GLU A 278 -7.20 -11.75 23.94
C GLU A 278 -7.19 -12.44 25.29
#